data_1B3D
#
_entry.id   1B3D
#
_cell.length_a   37.900
_cell.length_b   78.800
_cell.length_c   105.400
_cell.angle_alpha   90.00
_cell.angle_beta   90.00
_cell.angle_gamma   90.00
#
_symmetry.space_group_name_H-M   'P 21 21 21'
#
loop_
_entity.id
_entity.type
_entity.pdbx_description
1 polymer STROMELYSIN-1
2 non-polymer 'ZINC ION'
3 non-polymer 'CALCIUM ION'
4 non-polymer N-[[2-METHYL-4-HYDROXYCARBAMOYL]BUT-4-YL-N]-BENZYL-P-[PHENYL]-P-[METHYL]PHOSPHINAMID
5 water water
#
_entity_poly.entity_id   1
_entity_poly.type   'polypeptide(L)'
_entity_poly.pdbx_seq_one_letter_code
;FRTFPGIPKWRKTHLTYRIVNYTPDLPKDAVDSAVEKALKVWEEVTPLTFSRLYEGEADIMISFAVREHGDFYPFDGPGN
VLAHAYAPGPGINGDAHFDDDEQWTKDTTGTNLFLVAAHEIGHSLGLFHSANTEALMYPLYHSLTDLTRFRLSQDDINGI
QSLYGPPPDSPET
;
_entity_poly.pdbx_strand_id   A,B
#
# COMPACT_ATOMS: atom_id res chain seq x y z
N PHE A 1 -4.47 14.57 5.74
CA PHE A 1 -4.29 13.30 6.48
C PHE A 1 -5.08 12.16 5.85
N ARG A 2 -4.61 10.93 6.02
CA ARG A 2 -5.29 9.77 5.45
C ARG A 2 -5.64 8.81 6.57
N THR A 3 -6.68 8.03 6.34
CA THR A 3 -7.14 7.05 7.32
C THR A 3 -7.18 5.72 6.55
N PHE A 4 -6.93 4.60 7.22
CA PHE A 4 -6.92 3.30 6.55
C PHE A 4 -8.30 2.95 5.93
N PRO A 5 -8.34 2.05 4.93
CA PRO A 5 -9.64 1.71 4.33
C PRO A 5 -10.65 1.04 5.27
N GLY A 6 -11.90 1.46 5.18
CA GLY A 6 -12.88 1.05 6.17
C GLY A 6 -12.70 1.75 7.50
N ILE A 7 -11.91 2.82 7.49
CA ILE A 7 -11.59 3.65 8.69
C ILE A 7 -11.59 2.88 10.01
N PRO A 8 -10.75 1.85 10.12
CA PRO A 8 -10.74 1.12 11.38
C PRO A 8 -10.10 1.89 12.52
N LYS A 9 -10.77 1.92 13.65
CA LYS A 9 -10.24 2.61 14.83
C LYS A 9 -10.54 1.77 16.07
N TRP A 10 -10.05 2.19 17.22
CA TRP A 10 -10.32 1.43 18.44
C TRP A 10 -11.67 1.84 18.99
N ARG A 11 -12.47 0.85 19.34
CA ARG A 11 -13.80 1.11 19.87
C ARG A 11 -13.78 1.34 21.39
N LYS A 12 -12.71 1.97 21.87
CA LYS A 12 -12.54 2.24 23.29
C LYS A 12 -11.50 3.36 23.47
N THR A 13 -11.59 4.10 24.56
CA THR A 13 -10.66 5.21 24.83
C THR A 13 -9.37 4.79 25.54
N HIS A 14 -9.46 3.77 26.38
CA HIS A 14 -8.28 3.31 27.10
C HIS A 14 -7.59 2.14 26.42
N LEU A 15 -6.32 2.35 26.09
CA LEU A 15 -5.51 1.34 25.41
C LEU A 15 -4.31 0.92 26.23
N THR A 16 -3.92 -0.34 26.09
CA THR A 16 -2.76 -0.83 26.80
C THR A 16 -1.57 -1.10 25.87
N TYR A 17 -0.37 -0.99 26.41
CA TYR A 17 0.83 -1.24 25.63
C TYR A 17 1.79 -2.12 26.41
N ARG A 18 2.65 -2.83 25.70
CA ARG A 18 3.63 -3.71 26.32
C ARG A 18 4.90 -3.75 25.48
N ILE A 19 6.03 -3.45 26.11
CA ILE A 19 7.30 -3.47 25.44
C ILE A 19 7.86 -4.87 25.65
N VAL A 20 7.60 -5.73 24.68
CA VAL A 20 7.99 -7.14 24.73
C VAL A 20 9.49 -7.44 24.85
N ASN A 21 10.33 -6.71 24.14
CA ASN A 21 11.77 -6.93 24.24
C ASN A 21 12.53 -5.62 24.14
N TYR A 22 13.85 -5.69 24.28
CA TYR A 22 14.67 -4.49 24.25
C TYR A 22 15.87 -4.57 23.30
N THR A 23 16.25 -3.41 22.78
CA THR A 23 17.36 -3.30 21.84
C THR A 23 18.73 -3.21 22.51
N PRO A 24 19.74 -3.88 21.94
CA PRO A 24 21.07 -3.80 22.55
C PRO A 24 21.73 -2.41 22.37
N ASP A 25 21.19 -1.62 21.45
CA ASP A 25 21.72 -0.27 21.14
C ASP A 25 21.59 0.79 22.22
N LEU A 26 20.60 0.63 23.09
CA LEU A 26 20.29 1.67 24.06
C LEU A 26 19.90 1.11 25.42
N PRO A 27 20.08 1.90 26.49
CA PRO A 27 19.70 1.39 27.81
C PRO A 27 18.17 1.30 27.90
N LYS A 28 17.70 0.38 28.73
CA LYS A 28 16.28 0.16 28.88
C LYS A 28 15.45 1.40 29.27
N ASP A 29 16.03 2.32 30.04
CA ASP A 29 15.27 3.52 30.44
C ASP A 29 14.92 4.46 29.28
N ALA A 30 15.78 4.47 28.26
CA ALA A 30 15.57 5.31 27.08
C ALA A 30 14.52 4.76 26.12
N VAL A 31 14.39 3.44 26.09
CA VAL A 31 13.39 2.78 25.23
C VAL A 31 12.01 3.06 25.81
N ASP A 32 11.91 2.94 27.14
CA ASP A 32 10.65 3.16 27.85
C ASP A 32 10.26 4.63 27.68
N SER A 33 11.21 5.53 27.85
CA SER A 33 10.95 6.96 27.71
C SER A 33 10.54 7.32 26.29
N ALA A 34 11.28 6.80 25.31
CA ALA A 34 10.96 7.10 23.92
C ALA A 34 9.55 6.64 23.57
N VAL A 35 9.14 5.51 24.12
CA VAL A 35 7.80 4.98 23.87
C VAL A 35 6.73 5.78 24.63
N GLU A 36 7.01 6.10 25.90
CA GLU A 36 6.09 6.88 26.71
C GLU A 36 5.89 8.32 26.18
N LYS A 37 6.95 8.91 25.63
CA LYS A 37 6.85 10.26 25.07
C LYS A 37 6.07 10.16 23.76
N ALA A 38 6.22 9.03 23.08
CA ALA A 38 5.50 8.77 21.84
C ALA A 38 4.00 8.57 22.12
N LEU A 39 3.66 7.95 23.24
CA LEU A 39 2.24 7.78 23.58
C LEU A 39 1.68 9.14 23.97
N LYS A 40 2.45 9.90 24.71
CA LYS A 40 1.98 11.21 25.13
C LYS A 40 1.67 12.18 24.02
N VAL A 41 2.40 12.15 22.90
CA VAL A 41 2.08 13.11 21.83
C VAL A 41 0.66 12.93 21.30
N TRP A 42 0.15 11.72 21.39
CA TRP A 42 -1.21 11.46 20.92
C TRP A 42 -2.26 11.67 22.03
N GLU A 43 -1.90 11.37 23.28
CA GLU A 43 -2.82 11.54 24.40
C GLU A 43 -3.21 13.01 24.56
N GLU A 44 -2.23 13.89 24.44
CA GLU A 44 -2.45 15.33 24.59
C GLU A 44 -3.49 15.94 23.69
N VAL A 45 -3.75 15.32 22.55
CA VAL A 45 -4.72 15.85 21.61
C VAL A 45 -5.97 14.99 21.39
N THR A 46 -6.18 13.99 22.23
CA THR A 46 -7.35 13.09 22.13
C THR A 46 -7.72 12.58 23.50
N PRO A 47 -8.95 12.05 23.67
CA PRO A 47 -9.33 11.54 24.99
C PRO A 47 -8.75 10.12 25.26
N LEU A 48 -7.73 9.73 24.51
CA LEU A 48 -7.06 8.45 24.67
C LEU A 48 -6.07 8.42 25.83
N THR A 49 -6.18 7.40 26.68
CA THR A 49 -5.29 7.24 27.82
C THR A 49 -4.62 5.87 27.67
N PHE A 50 -3.43 5.70 28.23
CA PHE A 50 -2.71 4.42 28.11
C PHE A 50 -2.24 3.84 29.44
N SER A 51 -1.99 2.54 29.45
CA SER A 51 -1.48 1.86 30.63
C SER A 51 -0.51 0.79 30.14
N ARG A 52 0.51 0.52 30.94
CA ARG A 52 1.51 -0.45 30.57
C ARG A 52 1.23 -1.82 31.21
N LEU A 53 1.47 -2.89 30.44
CA LEU A 53 1.29 -4.24 30.92
C LEU A 53 2.66 -4.90 30.83
N TYR A 54 2.91 -5.93 31.64
CA TYR A 54 4.21 -6.62 31.61
C TYR A 54 4.02 -8.12 31.40
N GLU A 55 2.78 -8.51 31.10
CA GLU A 55 2.41 -9.89 30.86
C GLU A 55 1.04 -9.85 30.19
N GLY A 56 0.67 -10.92 29.50
CA GLY A 56 -0.57 -10.91 28.76
C GLY A 56 -0.50 -10.16 27.44
N GLU A 57 -1.62 -10.12 26.73
CA GLU A 57 -1.68 -9.44 25.45
C GLU A 57 -2.19 -8.02 25.65
N ALA A 58 -1.39 -7.05 25.24
CA ALA A 58 -1.76 -5.65 25.33
C ALA A 58 -2.28 -5.25 23.96
N ASP A 59 -3.01 -4.15 23.87
CA ASP A 59 -3.51 -3.73 22.56
C ASP A 59 -2.35 -3.46 21.60
N ILE A 60 -1.38 -2.69 22.09
CA ILE A 60 -0.21 -2.31 21.33
C ILE A 60 1.04 -3.02 21.85
N MET A 61 1.39 -4.12 21.21
CA MET A 61 2.57 -4.87 21.58
C MET A 61 3.74 -4.28 20.80
N ILE A 62 4.77 -3.88 21.54
CA ILE A 62 5.96 -3.25 20.98
C ILE A 62 7.24 -4.09 21.11
N SER A 63 7.88 -4.39 19.99
CA SER A 63 9.11 -5.18 20.01
C SER A 63 10.12 -4.79 18.95
N PHE A 64 11.33 -5.30 19.11
CA PHE A 64 12.44 -5.04 18.20
C PHE A 64 12.67 -6.33 17.44
N ALA A 65 12.90 -6.22 16.14
CA ALA A 65 13.09 -7.40 15.30
C ALA A 65 14.11 -7.21 14.16
N VAL A 66 14.51 -8.32 13.58
CA VAL A 66 15.48 -8.34 12.49
C VAL A 66 14.98 -9.35 11.47
N ARG A 67 15.11 -9.05 10.19
CA ARG A 67 14.67 -10.00 9.14
C ARG A 67 13.32 -10.68 9.44
N GLU A 68 13.27 -12.01 9.36
CA GLU A 68 12.02 -12.73 9.62
C GLU A 68 11.77 -12.87 11.11
N HIS A 69 10.64 -12.32 11.54
CA HIS A 69 10.22 -12.37 12.94
C HIS A 69 8.80 -12.96 12.92
N GLY A 70 7.94 -12.56 13.82
CA GLY A 70 6.66 -13.25 13.89
C GLY A 70 5.64 -13.09 12.77
N ASP A 71 5.97 -12.43 11.66
CA ASP A 71 5.01 -12.20 10.58
C ASP A 71 5.44 -12.40 9.11
N PHE A 72 4.52 -12.13 8.19
CA PHE A 72 4.78 -12.27 6.75
C PHE A 72 5.58 -11.13 6.14
N TYR A 73 5.97 -10.16 6.93
CA TYR A 73 6.70 -9.02 6.40
C TYR A 73 8.06 -8.84 7.07
N PRO A 74 9.10 -9.53 6.54
CA PRO A 74 10.44 -9.42 7.12
C PRO A 74 11.08 -8.04 6.94
N PHE A 75 11.97 -7.68 7.86
CA PHE A 75 12.68 -6.40 7.77
C PHE A 75 13.82 -6.54 6.76
N ASP A 76 14.30 -5.42 6.24
CA ASP A 76 15.32 -5.41 5.19
C ASP A 76 16.76 -4.94 5.51
N GLY A 77 17.32 -5.35 6.64
CA GLY A 77 18.68 -4.97 6.95
C GLY A 77 18.80 -3.49 7.32
N PRO A 78 20.03 -2.94 7.36
CA PRO A 78 20.26 -1.54 7.71
C PRO A 78 19.58 -0.51 6.79
N GLY A 79 19.08 0.58 7.38
CA GLY A 79 18.35 1.58 6.64
C GLY A 79 17.02 1.18 6.03
N ASN A 80 16.51 2.04 5.15
CA ASN A 80 15.25 1.84 4.45
C ASN A 80 14.07 1.61 5.41
N VAL A 81 13.44 0.45 5.41
CA VAL A 81 12.35 0.26 6.38
C VAL A 81 12.93 0.24 7.81
N LEU A 82 12.54 1.23 8.61
CA LEU A 82 13.00 1.40 9.98
C LEU A 82 12.10 0.64 10.96
N ALA A 83 10.81 0.61 10.66
CA ALA A 83 9.85 -0.07 11.52
C ALA A 83 8.51 -0.16 10.81
N HIS A 84 7.60 -0.96 11.35
CA HIS A 84 6.26 -1.04 10.77
C HIS A 84 5.20 -1.34 11.85
N ALA A 85 4.01 -0.77 11.68
CA ALA A 85 2.94 -0.98 12.64
C ALA A 85 1.58 -1.31 11.99
N TYR A 86 0.76 -2.09 12.69
CA TYR A 86 -0.54 -2.48 12.16
C TYR A 86 -1.68 -1.58 12.63
N ALA A 87 -2.73 -1.49 11.80
CA ALA A 87 -3.91 -0.69 12.11
C ALA A 87 -4.71 -1.33 13.25
N PRO A 88 -5.61 -0.56 13.89
CA PRO A 88 -6.42 -1.06 14.99
C PRO A 88 -7.16 -2.39 14.79
N GLY A 89 -7.22 -3.19 15.84
CA GLY A 89 -7.97 -4.43 15.80
C GLY A 89 -7.31 -5.41 16.75
N PRO A 90 -7.84 -6.63 16.89
CA PRO A 90 -7.28 -7.63 17.80
C PRO A 90 -5.98 -8.22 17.28
N GLY A 91 -5.34 -9.02 18.12
CA GLY A 91 -4.20 -9.81 17.69
C GLY A 91 -3.00 -8.97 17.28
N ILE A 92 -2.41 -9.31 16.15
CA ILE A 92 -1.25 -8.60 15.64
C ILE A 92 -1.59 -7.14 15.29
N ASN A 93 -2.88 -6.83 15.19
CA ASN A 93 -3.29 -5.46 14.88
C ASN A 93 -3.04 -4.47 16.02
N GLY A 94 -2.58 -3.28 15.66
CA GLY A 94 -2.10 -2.33 16.66
C GLY A 94 -0.65 -2.49 17.08
N ASP A 95 -0.05 -3.63 16.78
CA ASP A 95 1.33 -3.93 17.15
C ASP A 95 2.38 -3.18 16.34
N ALA A 96 3.44 -2.75 17.04
CA ALA A 96 4.53 -2.02 16.40
C ALA A 96 5.84 -2.80 16.48
N HIS A 97 6.44 -3.04 15.32
CA HIS A 97 7.71 -3.74 15.26
C HIS A 97 8.80 -2.77 14.84
N PHE A 98 9.98 -2.88 15.45
CA PHE A 98 11.11 -1.99 15.15
C PHE A 98 12.35 -2.74 14.67
N ASP A 99 12.93 -2.28 13.56
CA ASP A 99 14.12 -2.92 12.97
C ASP A 99 15.41 -2.69 13.77
N ASP A 100 15.93 -3.76 14.37
CA ASP A 100 17.15 -3.62 15.16
C ASP A 100 18.44 -3.54 14.34
N ASP A 101 18.30 -3.68 13.03
CA ASP A 101 19.45 -3.52 12.14
C ASP A 101 19.67 -2.02 11.94
N GLU A 102 18.90 -1.23 12.68
CA GLU A 102 19.05 0.22 12.68
C GLU A 102 19.72 0.51 14.02
N GLN A 103 20.38 1.65 14.11
CA GLN A 103 21.02 2.05 15.35
C GLN A 103 20.08 3.02 16.05
N TRP A 104 19.26 2.50 16.96
CA TRP A 104 18.33 3.35 17.70
C TRP A 104 19.04 4.23 18.73
N THR A 105 18.82 5.55 18.64
CA THR A 105 19.44 6.51 19.55
C THR A 105 18.38 7.41 20.16
N LYS A 106 18.74 8.10 21.24
CA LYS A 106 17.78 9.02 21.82
C LYS A 106 17.98 10.44 21.33
N ASP A 107 18.94 10.61 20.42
CA ASP A 107 19.23 11.89 19.80
C ASP A 107 19.20 11.69 18.29
N THR A 108 19.71 12.64 17.53
CA THR A 108 19.71 12.55 16.06
C THR A 108 20.90 11.85 15.41
N THR A 109 21.67 11.09 16.18
CA THR A 109 22.86 10.42 15.64
C THR A 109 22.71 9.01 15.10
N GLY A 110 21.56 8.39 15.26
CA GLY A 110 21.22 7.26 14.40
C GLY A 110 19.77 7.40 14.02
N THR A 111 19.00 6.33 14.15
CA THR A 111 17.57 6.41 13.89
C THR A 111 16.92 6.73 15.23
N ASN A 112 16.36 7.93 15.37
CA ASN A 112 15.73 8.34 16.64
C ASN A 112 14.47 7.55 16.96
N LEU A 113 14.54 6.74 18.02
CA LEU A 113 13.44 5.89 18.47
C LEU A 113 12.12 6.63 18.79
N PHE A 114 12.20 7.77 19.46
CA PHE A 114 10.99 8.54 19.80
C PHE A 114 10.20 8.93 18.55
N LEU A 115 10.89 9.55 17.59
CA LEU A 115 10.30 10.02 16.33
C LEU A 115 9.63 8.88 15.56
N VAL A 116 10.32 7.75 15.46
CA VAL A 116 9.77 6.62 14.74
C VAL A 116 8.63 5.97 15.50
N ALA A 117 8.73 5.96 16.83
CA ALA A 117 7.68 5.37 17.65
C ALA A 117 6.42 6.21 17.59
N ALA A 118 6.57 7.52 17.51
CA ALA A 118 5.41 8.39 17.43
C ALA A 118 4.66 8.16 16.13
N HIS A 119 5.43 7.95 15.06
CA HIS A 119 4.87 7.69 13.74
C HIS A 119 4.18 6.34 13.71
N GLU A 120 4.87 5.32 14.18
CA GLU A 120 4.31 3.96 14.23
C GLU A 120 3.04 3.86 15.05
N ILE A 121 3.00 4.56 16.18
CA ILE A 121 1.82 4.52 17.03
C ILE A 121 0.67 5.32 16.43
N GLY A 122 1.00 6.32 15.62
CA GLY A 122 0.07 6.80 14.61
C GLY A 122 -0.61 5.72 13.79
N HIS A 123 0.16 4.81 13.24
CA HIS A 123 -0.45 3.75 12.45
C HIS A 123 -1.33 2.90 13.34
N SER A 124 -0.81 2.56 14.53
CA SER A 124 -1.52 1.73 15.51
C SER A 124 -2.88 2.28 15.95
N LEU A 125 -3.04 3.59 15.86
CA LEU A 125 -4.29 4.26 16.24
C LEU A 125 -5.25 4.54 15.08
N GLY A 126 -4.77 4.40 13.85
CA GLY A 126 -5.67 4.47 12.70
C GLY A 126 -5.30 5.47 11.61
N LEU A 127 -4.11 6.07 11.71
CA LEU A 127 -3.67 7.02 10.71
C LEU A 127 -2.76 6.35 9.67
N PHE A 128 -3.09 6.56 8.40
CA PHE A 128 -2.30 6.03 7.29
C PHE A 128 -1.39 7.21 6.90
N HIS A 129 -0.66 7.15 5.79
CA HIS A 129 0.23 8.25 5.42
C HIS A 129 -0.41 9.52 4.88
N SER A 130 0.15 10.64 5.33
CA SER A 130 -0.27 11.99 4.96
C SER A 130 0.52 12.57 3.78
N ALA A 131 -0.09 13.51 3.06
CA ALA A 131 0.58 14.16 1.93
C ALA A 131 1.27 15.43 2.39
N ASN A 132 0.94 15.90 3.57
CA ASN A 132 1.56 17.11 4.13
C ASN A 132 3.01 16.83 4.50
N THR A 133 3.91 17.62 3.94
CA THR A 133 5.33 17.47 4.15
C THR A 133 5.86 17.74 5.55
N GLU A 134 5.17 18.55 6.35
CA GLU A 134 5.67 18.79 7.71
C GLU A 134 4.93 18.01 8.80
N ALA A 135 4.13 17.04 8.38
CA ALA A 135 3.36 16.21 9.30
C ALA A 135 4.14 14.95 9.72
N LEU A 136 3.93 14.52 10.95
CA LEU A 136 4.57 13.31 11.46
C LEU A 136 4.20 12.08 10.63
N MET A 137 2.99 12.03 10.10
CA MET A 137 2.56 10.88 9.31
C MET A 137 2.98 10.86 7.84
N TYR A 138 3.88 11.77 7.46
CA TYR A 138 4.40 11.82 6.11
C TYR A 138 5.56 10.82 6.05
N PRO A 139 5.65 10.01 5.00
CA PRO A 139 6.74 9.02 4.91
C PRO A 139 8.15 9.52 5.27
N LEU A 140 8.51 10.70 4.81
CA LEU A 140 9.85 11.23 5.08
C LEU A 140 9.95 12.09 6.36
N TYR A 141 9.16 11.75 7.38
CA TYR A 141 9.19 12.48 8.65
C TYR A 141 10.58 12.41 9.33
N HIS A 142 11.44 11.55 8.81
CA HIS A 142 12.79 11.40 9.34
C HIS A 142 13.69 12.55 8.83
N SER A 143 13.41 13.73 9.38
CA SER A 143 14.10 14.99 9.06
C SER A 143 13.78 15.94 10.21
N LEU A 144 12.54 15.88 10.69
CA LEU A 144 12.07 16.70 11.80
C LEU A 144 13.08 16.82 12.93
N THR A 145 13.18 18.02 13.52
CA THR A 145 14.08 18.24 14.65
C THR A 145 13.32 17.73 15.90
N ASP A 146 13.36 16.41 16.05
CA ASP A 146 12.65 15.60 17.06
C ASP A 146 12.48 15.89 18.56
N LEU A 147 13.07 16.94 19.11
CA LEU A 147 12.86 17.17 20.55
C LEU A 147 12.91 18.65 20.85
N THR A 148 13.78 19.34 20.14
CA THR A 148 13.93 20.77 20.30
C THR A 148 12.74 21.41 19.61
N ARG A 149 12.69 21.32 18.28
CA ARG A 149 11.58 21.91 17.54
C ARG A 149 10.50 20.92 17.12
N PHE A 150 10.27 19.86 17.90
CA PHE A 150 9.22 18.93 17.52
C PHE A 150 7.88 19.46 17.98
N ARG A 151 6.89 19.33 17.12
CA ARG A 151 5.56 19.79 17.43
C ARG A 151 4.66 18.99 16.51
N LEU A 152 3.60 18.40 17.04
CA LEU A 152 2.68 17.63 16.21
C LEU A 152 1.94 18.63 15.32
N SER A 153 2.09 18.49 14.01
CA SER A 153 1.44 19.42 13.10
C SER A 153 -0.08 19.43 13.27
N GLN A 154 -0.72 20.51 12.83
CA GLN A 154 -2.17 20.57 12.94
C GLN A 154 -2.79 19.44 12.10
N ASP A 155 -2.10 19.03 11.06
CA ASP A 155 -2.59 17.95 10.20
C ASP A 155 -2.74 16.63 10.95
N ASP A 156 -1.75 16.28 11.77
CA ASP A 156 -1.81 15.04 12.54
C ASP A 156 -2.93 15.19 13.59
N ILE A 157 -3.02 16.38 14.17
CA ILE A 157 -4.04 16.66 15.17
C ILE A 157 -5.41 16.48 14.53
N ASN A 158 -5.61 17.08 13.36
CA ASN A 158 -6.88 16.95 12.64
C ASN A 158 -7.17 15.48 12.41
N GLY A 159 -6.16 14.77 11.90
CA GLY A 159 -6.32 13.38 11.57
C GLY A 159 -6.72 12.49 12.74
N ILE A 160 -5.99 12.60 13.86
CA ILE A 160 -6.32 11.76 15.00
C ILE A 160 -7.65 12.15 15.69
N GLN A 161 -8.00 13.44 15.65
CA GLN A 161 -9.24 13.92 16.26
C GLN A 161 -10.47 13.57 15.41
N SER A 162 -10.25 13.27 14.14
CA SER A 162 -11.34 12.87 13.25
C SER A 162 -11.84 11.54 13.74
N LEU A 163 -10.90 10.73 14.22
CA LEU A 163 -11.19 9.40 14.76
C LEU A 163 -11.61 9.37 16.22
N TYR A 164 -10.93 10.17 17.03
CA TYR A 164 -11.17 10.14 18.47
C TYR A 164 -11.70 11.38 19.16
N GLY A 165 -11.76 12.51 18.46
CA GLY A 165 -12.23 13.72 19.11
C GLY A 165 -11.15 14.48 19.85
N PRO A 166 -11.41 15.74 20.21
CA PRO A 166 -10.47 16.60 20.93
C PRO A 166 -10.43 16.15 22.38
N PRO A 167 -9.47 16.66 23.16
CA PRO A 167 -9.42 16.24 24.57
C PRO A 167 -10.76 16.53 25.28
N PRO A 168 -11.11 15.75 26.32
CA PRO A 168 -12.39 16.08 26.95
C PRO A 168 -12.23 17.19 27.99
N ASP A 169 -11.29 18.09 27.74
CA ASP A 169 -11.02 19.21 28.63
C ASP A 169 -10.35 20.33 27.85
N PHE B 1 1.26 10.41 -10.00
CA PHE B 1 0.10 9.54 -10.37
C PHE B 1 -1.16 10.34 -10.67
N ARG B 2 -1.97 9.83 -11.62
CA ARG B 2 -3.20 10.47 -12.02
C ARG B 2 -4.32 9.44 -11.94
N THR B 3 -5.56 9.90 -11.80
CA THR B 3 -6.73 9.02 -11.76
C THR B 3 -7.63 9.52 -12.89
N PHE B 4 -8.78 8.89 -13.10
CA PHE B 4 -9.71 9.30 -14.15
C PHE B 4 -10.70 10.34 -13.57
N PRO B 5 -11.19 11.29 -14.39
CA PRO B 5 -12.14 12.29 -13.87
C PRO B 5 -13.36 11.73 -13.12
N GLY B 6 -13.66 12.33 -11.97
CA GLY B 6 -14.71 11.80 -11.11
C GLY B 6 -14.24 10.74 -10.12
N ILE B 7 -12.98 10.33 -10.31
CA ILE B 7 -12.37 9.30 -9.48
C ILE B 7 -13.22 8.03 -9.40
N PRO B 8 -13.59 7.48 -10.57
CA PRO B 8 -14.40 6.27 -10.51
C PRO B 8 -13.60 5.09 -10.01
N LYS B 9 -14.09 4.46 -8.96
CA LYS B 9 -13.44 3.29 -8.41
C LYS B 9 -14.51 2.26 -8.11
N TRP B 10 -14.13 1.00 -8.00
CA TRP B 10 -15.10 -0.05 -7.69
C TRP B 10 -15.58 0.11 -6.25
N ARG B 11 -16.78 -0.39 -5.97
CA ARG B 11 -17.31 -0.34 -4.61
C ARG B 11 -16.98 -1.64 -3.89
N LYS B 12 -16.98 -2.72 -4.64
CA LYS B 12 -16.68 -4.05 -4.10
C LYS B 12 -15.17 -4.22 -3.98
N THR B 13 -14.71 -4.93 -2.97
CA THR B 13 -13.27 -5.21 -2.80
C THR B 13 -12.94 -6.48 -3.57
N HIS B 14 -13.95 -7.28 -3.86
CA HIS B 14 -13.74 -8.49 -4.63
C HIS B 14 -14.35 -8.29 -6.02
N LEU B 15 -13.51 -8.45 -7.03
CA LEU B 15 -13.95 -8.30 -8.41
C LEU B 15 -13.80 -9.61 -9.15
N THR B 16 -14.54 -9.76 -10.24
CA THR B 16 -14.44 -10.96 -11.05
C THR B 16 -13.85 -10.59 -12.42
N TYR B 17 -13.17 -11.55 -13.02
CA TYR B 17 -12.58 -11.33 -14.32
C TYR B 17 -12.86 -12.52 -15.18
N ARG B 18 -12.90 -12.30 -16.49
CA ARG B 18 -13.15 -13.39 -17.41
C ARG B 18 -12.25 -13.19 -18.63
N ILE B 19 -11.67 -14.26 -19.11
CA ILE B 19 -10.81 -14.18 -20.27
C ILE B 19 -11.69 -14.71 -21.40
N VAL B 20 -12.29 -13.75 -22.10
CA VAL B 20 -13.25 -13.98 -23.18
C VAL B 20 -12.79 -14.82 -24.37
N ASN B 21 -11.60 -14.53 -24.87
CA ASN B 21 -11.05 -15.28 -26.00
C ASN B 21 -9.54 -15.51 -25.81
N TYR B 22 -8.89 -16.08 -26.81
CA TYR B 22 -7.46 -16.37 -26.72
C TYR B 22 -6.68 -16.04 -28.00
N THR B 23 -5.43 -15.66 -27.80
CA THR B 23 -4.50 -15.27 -28.87
C THR B 23 -3.77 -16.47 -29.49
N PRO B 24 -3.46 -16.40 -30.79
CA PRO B 24 -2.74 -17.48 -31.47
C PRO B 24 -1.26 -17.56 -31.02
N ASP B 25 -0.73 -16.44 -30.53
CA ASP B 25 0.68 -16.30 -30.08
C ASP B 25 1.14 -17.21 -28.96
N LEU B 26 0.30 -17.36 -27.95
CA LEU B 26 0.63 -18.13 -26.78
C LEU B 26 -0.33 -19.27 -26.48
N PRO B 27 0.16 -20.32 -25.81
CA PRO B 27 -0.76 -21.41 -25.52
C PRO B 27 -1.64 -20.90 -24.39
N LYS B 28 -2.86 -21.40 -24.31
CA LYS B 28 -3.81 -20.95 -23.30
C LYS B 28 -3.27 -20.86 -21.87
N ASP B 29 -2.40 -21.78 -21.46
CA ASP B 29 -1.86 -21.74 -20.10
C ASP B 29 -1.05 -20.47 -19.82
N ALA B 30 -0.28 -20.04 -20.81
CA ALA B 30 0.58 -18.86 -20.71
C ALA B 30 -0.20 -17.55 -20.59
N VAL B 31 -1.38 -17.53 -21.19
CA VAL B 31 -2.24 -16.35 -21.15
C VAL B 31 -2.86 -16.23 -19.75
N ASP B 32 -3.46 -17.32 -19.29
CA ASP B 32 -4.08 -17.37 -17.96
C ASP B 32 -3.08 -17.05 -16.86
N SER B 33 -1.85 -17.50 -17.04
CA SER B 33 -0.81 -17.26 -16.05
C SER B 33 -0.42 -15.80 -16.00
N ALA B 34 -0.23 -15.19 -17.16
CA ALA B 34 0.14 -13.78 -17.24
C ALA B 34 -0.96 -12.87 -16.71
N VAL B 35 -2.20 -13.28 -16.89
CA VAL B 35 -3.34 -12.52 -16.39
C VAL B 35 -3.41 -12.58 -14.87
N GLU B 36 -3.23 -13.78 -14.32
CA GLU B 36 -3.24 -13.98 -12.87
C GLU B 36 -2.14 -13.20 -12.20
N LYS B 37 -0.95 -13.20 -12.80
CA LYS B 37 0.16 -12.47 -12.21
C LYS B 37 -0.08 -10.96 -12.28
N ALA B 38 -0.74 -10.49 -13.32
CA ALA B 38 -1.01 -9.05 -13.46
C ALA B 38 -1.97 -8.52 -12.40
N LEU B 39 -2.97 -9.33 -12.07
CA LEU B 39 -3.96 -8.98 -11.04
C LEU B 39 -3.27 -9.04 -9.68
N LYS B 40 -2.47 -10.07 -9.53
CA LYS B 40 -1.73 -10.33 -8.30
C LYS B 40 -0.83 -9.17 -7.87
N VAL B 41 -0.28 -8.41 -8.80
CA VAL B 41 0.57 -7.30 -8.40
C VAL B 41 -0.25 -6.20 -7.71
N TRP B 42 -1.54 -6.14 -8.01
CA TRP B 42 -2.39 -5.13 -7.38
C TRP B 42 -3.01 -5.63 -6.07
N GLU B 43 -3.29 -6.93 -5.97
CA GLU B 43 -3.84 -7.51 -4.75
C GLU B 43 -2.83 -7.27 -3.62
N GLU B 44 -1.57 -7.59 -3.91
CA GLU B 44 -0.48 -7.45 -2.94
C GLU B 44 -0.48 -6.13 -2.17
N VAL B 45 -0.85 -5.04 -2.83
CA VAL B 45 -0.85 -3.72 -2.19
C VAL B 45 -2.22 -3.08 -1.89
N THR B 46 -3.31 -3.85 -1.99
CA THR B 46 -4.66 -3.33 -1.71
C THR B 46 -5.54 -4.42 -1.08
N PRO B 47 -6.74 -4.06 -0.59
CA PRO B 47 -7.59 -5.11 0.00
C PRO B 47 -8.36 -5.86 -1.10
N LEU B 48 -8.00 -5.62 -2.37
CA LEU B 48 -8.67 -6.26 -3.49
C LEU B 48 -8.28 -7.70 -3.74
N THR B 49 -9.28 -8.50 -4.12
CA THR B 49 -9.10 -9.90 -4.46
C THR B 49 -9.84 -10.13 -5.77
N PHE B 50 -9.44 -11.14 -6.53
CA PHE B 50 -10.07 -11.43 -7.83
C PHE B 50 -10.36 -12.92 -8.06
N SER B 51 -11.52 -13.22 -8.63
CA SER B 51 -11.91 -14.59 -8.93
C SER B 51 -12.26 -14.74 -10.41
N ARG B 52 -12.19 -15.96 -10.91
CA ARG B 52 -12.45 -16.20 -12.31
C ARG B 52 -13.82 -16.76 -12.70
N LEU B 53 -14.45 -16.10 -13.68
CA LEU B 53 -15.73 -16.54 -14.22
C LEU B 53 -15.46 -17.13 -15.60
N TYR B 54 -16.26 -18.11 -16.00
CA TYR B 54 -16.05 -18.74 -17.29
C TYR B 54 -17.27 -18.54 -18.19
N GLU B 55 -18.30 -17.91 -17.64
CA GLU B 55 -19.52 -17.61 -18.39
C GLU B 55 -20.17 -16.44 -17.67
N GLY B 56 -21.11 -15.75 -18.32
CA GLY B 56 -21.69 -14.57 -17.70
C GLY B 56 -20.79 -13.34 -17.72
N GLU B 57 -21.29 -12.23 -17.18
CA GLU B 57 -20.53 -10.99 -17.15
C GLU B 57 -19.70 -10.81 -15.88
N ALA B 58 -18.40 -10.62 -16.06
CA ALA B 58 -17.47 -10.40 -14.96
C ALA B 58 -17.09 -8.92 -15.02
N ASP B 59 -16.74 -8.34 -13.88
CA ASP B 59 -16.36 -6.93 -13.86
C ASP B 59 -15.32 -6.55 -14.93
N ILE B 60 -14.24 -7.32 -14.98
CA ILE B 60 -13.16 -7.06 -15.91
C ILE B 60 -13.14 -8.12 -17.01
N MET B 61 -13.71 -7.79 -18.16
CA MET B 61 -13.75 -8.70 -19.29
C MET B 61 -12.47 -8.48 -20.06
N ILE B 62 -11.72 -9.55 -20.25
CA ILE B 62 -10.45 -9.50 -20.94
C ILE B 62 -10.52 -10.25 -22.28
N SER B 63 -10.08 -9.57 -23.33
CA SER B 63 -10.09 -10.15 -24.66
C SER B 63 -8.94 -9.64 -25.50
N PHE B 64 -8.75 -10.28 -26.65
CA PHE B 64 -7.71 -9.88 -27.59
C PHE B 64 -8.51 -9.36 -28.76
N ALA B 65 -7.98 -8.38 -29.48
CA ALA B 65 -8.70 -7.81 -30.62
C ALA B 65 -7.79 -7.15 -31.67
N VAL B 66 -8.30 -7.04 -32.89
CA VAL B 66 -7.57 -6.37 -33.99
C VAL B 66 -8.51 -5.35 -34.65
N ARG B 67 -7.95 -4.23 -35.08
CA ARG B 67 -8.71 -3.16 -35.74
C ARG B 67 -10.10 -2.86 -35.12
N GLU B 68 -11.16 -2.91 -35.91
CA GLU B 68 -12.50 -2.63 -35.38
C GLU B 68 -12.94 -3.85 -34.63
N HIS B 69 -13.35 -3.67 -33.39
CA HIS B 69 -13.74 -4.85 -32.64
C HIS B 69 -14.95 -4.72 -31.74
N GLY B 70 -15.72 -3.66 -31.90
CA GLY B 70 -17.02 -3.63 -31.25
C GLY B 70 -17.12 -2.57 -30.16
N ASP B 71 -16.10 -1.72 -30.05
CA ASP B 71 -16.11 -0.64 -29.07
C ASP B 71 -15.79 0.69 -29.77
N PHE B 72 -15.77 1.79 -29.02
CA PHE B 72 -15.53 3.11 -29.60
C PHE B 72 -14.10 3.37 -30.08
N TYR B 73 -13.14 2.53 -29.71
CA TYR B 73 -11.75 2.81 -30.09
C TYR B 73 -11.03 1.67 -30.83
N PRO B 74 -10.93 1.75 -32.17
CA PRO B 74 -10.25 0.69 -32.92
C PRO B 74 -8.74 0.59 -32.72
N PHE B 75 -8.18 -0.61 -32.82
CA PHE B 75 -6.73 -0.79 -32.69
C PHE B 75 -6.03 -0.39 -34.01
N ASP B 76 -4.77 0.03 -33.92
CA ASP B 76 -3.97 0.51 -35.04
C ASP B 76 -3.02 -0.43 -35.80
N GLY B 77 -3.13 -1.73 -35.58
CA GLY B 77 -2.25 -2.64 -36.29
C GLY B 77 -0.94 -2.83 -35.58
N PRO B 78 0.05 -3.47 -36.20
CA PRO B 78 1.35 -3.69 -35.55
C PRO B 78 2.04 -2.43 -35.03
N GLY B 79 2.52 -2.48 -33.79
CA GLY B 79 3.13 -1.29 -33.19
C GLY B 79 2.16 -0.30 -32.55
N ASN B 80 2.73 0.81 -32.10
CA ASN B 80 1.97 1.88 -31.44
C ASN B 80 1.13 1.39 -30.26
N VAL B 81 -0.19 1.58 -30.28
CA VAL B 81 -1.05 1.14 -29.19
C VAL B 81 -1.10 -0.38 -29.08
N LEU B 82 -0.62 -0.89 -27.95
CA LEU B 82 -0.57 -2.33 -27.69
C LEU B 82 -1.82 -2.85 -26.98
N ALA B 83 -2.49 -1.98 -26.24
CA ALA B 83 -3.69 -2.37 -25.53
C ALA B 83 -4.48 -1.18 -24.95
N HIS B 84 -5.69 -1.43 -24.49
CA HIS B 84 -6.48 -0.37 -23.86
C HIS B 84 -7.51 -0.92 -22.89
N ALA B 85 -7.70 -0.20 -21.80
CA ALA B 85 -8.62 -0.61 -20.75
C ALA B 85 -9.41 0.59 -20.26
N TYR B 86 -10.59 0.30 -19.71
CA TYR B 86 -11.50 1.34 -19.23
C TYR B 86 -11.52 1.51 -17.71
N ALA B 87 -11.89 2.71 -17.28
CA ALA B 87 -12.02 3.02 -15.86
C ALA B 87 -13.18 2.23 -15.25
N PRO B 88 -13.19 2.07 -13.92
CA PRO B 88 -14.29 1.31 -13.31
C PRO B 88 -15.69 1.82 -13.58
N GLY B 89 -16.66 0.92 -13.42
CA GLY B 89 -18.05 1.24 -13.67
C GLY B 89 -18.70 0.03 -14.31
N PRO B 90 -20.01 0.09 -14.62
CA PRO B 90 -20.71 -1.05 -15.23
C PRO B 90 -20.32 -1.31 -16.69
N GLY B 91 -20.53 -2.56 -17.12
CA GLY B 91 -20.64 -2.83 -18.54
C GLY B 91 -19.30 -2.84 -19.21
N ILE B 92 -19.11 -1.94 -20.17
CA ILE B 92 -17.85 -1.82 -20.91
C ILE B 92 -16.72 -1.35 -20.00
N ASN B 93 -17.09 -0.70 -18.92
CA ASN B 93 -16.10 -0.19 -17.98
C ASN B 93 -15.38 -1.27 -17.15
N GLY B 94 -14.10 -1.02 -16.89
CA GLY B 94 -13.21 -2.05 -16.34
C GLY B 94 -12.70 -3.16 -17.26
N ASP B 95 -13.08 -3.14 -18.54
CA ASP B 95 -12.63 -4.18 -19.46
C ASP B 95 -11.25 -3.87 -20.04
N ALA B 96 -10.49 -4.92 -20.34
CA ALA B 96 -9.14 -4.78 -20.88
C ALA B 96 -8.90 -5.50 -22.20
N HIS B 97 -8.87 -4.75 -23.31
CA HIS B 97 -8.62 -5.34 -24.62
C HIS B 97 -7.13 -5.29 -24.98
N PHE B 98 -6.63 -6.35 -25.62
CA PHE B 98 -5.21 -6.43 -26.04
C PHE B 98 -5.08 -6.56 -27.55
N ASP B 99 -4.29 -5.68 -28.16
CA ASP B 99 -4.10 -5.70 -29.61
C ASP B 99 -3.40 -6.96 -30.11
N ASP B 100 -4.12 -7.82 -30.83
CA ASP B 100 -3.49 -9.03 -31.33
C ASP B 100 -2.57 -8.90 -32.56
N ASP B 101 -2.39 -7.68 -33.02
CA ASP B 101 -1.48 -7.41 -34.13
C ASP B 101 -0.06 -7.21 -33.55
N GLU B 102 0.07 -7.50 -32.25
CA GLU B 102 1.35 -7.46 -31.56
C GLU B 102 1.70 -8.94 -31.35
N GLN B 103 2.95 -9.23 -31.02
CA GLN B 103 3.37 -10.61 -30.76
C GLN B 103 3.46 -10.79 -29.24
N TRP B 104 2.38 -11.26 -28.64
CA TRP B 104 2.33 -11.46 -27.20
C TRP B 104 3.26 -12.56 -26.76
N THR B 105 4.08 -12.26 -25.75
CA THR B 105 5.07 -13.20 -25.29
C THR B 105 5.16 -13.34 -23.77
N LYS B 106 5.68 -14.48 -23.32
CA LYS B 106 5.87 -14.81 -21.91
C LYS B 106 7.15 -14.16 -21.38
N ASP B 107 8.06 -13.87 -22.30
CA ASP B 107 9.33 -13.24 -21.99
C ASP B 107 9.39 -11.89 -22.69
N THR B 108 10.60 -11.39 -23.00
CA THR B 108 10.75 -10.09 -23.65
C THR B 108 11.06 -10.08 -25.14
N THR B 109 10.77 -11.15 -25.86
CA THR B 109 11.07 -11.14 -27.30
C THR B 109 10.05 -10.51 -28.22
N GLY B 110 8.81 -10.36 -27.76
CA GLY B 110 7.92 -9.42 -28.42
C GLY B 110 7.36 -8.40 -27.44
N THR B 111 6.06 -8.51 -27.17
CA THR B 111 5.42 -7.62 -26.21
C THR B 111 4.97 -8.50 -25.05
N ASN B 112 5.57 -8.30 -23.88
CA ASN B 112 5.22 -9.11 -22.71
C ASN B 112 3.78 -8.90 -22.27
N LEU B 113 2.99 -9.97 -22.29
CA LEU B 113 1.57 -9.91 -21.91
C LEU B 113 1.37 -9.49 -20.44
N PHE B 114 2.20 -10.02 -19.55
CA PHE B 114 2.12 -9.67 -18.13
C PHE B 114 2.36 -8.19 -17.84
N LEU B 115 3.41 -7.63 -18.44
CA LEU B 115 3.71 -6.23 -18.19
C LEU B 115 2.57 -5.33 -18.57
N VAL B 116 2.09 -5.48 -19.81
CA VAL B 116 1.00 -4.64 -20.30
C VAL B 116 -0.32 -4.91 -19.57
N ALA B 117 -0.58 -6.17 -19.25
CA ALA B 117 -1.79 -6.52 -18.51
C ALA B 117 -1.76 -5.83 -17.14
N ALA B 118 -0.61 -5.79 -16.50
CA ALA B 118 -0.51 -5.11 -15.21
C ALA B 118 -0.84 -3.63 -15.37
N HIS B 119 -0.37 -3.03 -16.46
CA HIS B 119 -0.64 -1.62 -16.76
C HIS B 119 -2.13 -1.41 -17.06
N GLU B 120 -2.76 -2.37 -17.72
CA GLU B 120 -4.18 -2.27 -18.05
C GLU B 120 -5.07 -2.49 -16.83
N ILE B 121 -4.72 -3.47 -16.00
CA ILE B 121 -5.55 -3.73 -14.82
C ILE B 121 -5.50 -2.55 -13.87
N GLY B 122 -4.37 -1.84 -13.87
CA GLY B 122 -4.34 -0.50 -13.29
C GLY B 122 -5.42 0.44 -13.76
N HIS B 123 -5.64 0.48 -15.07
CA HIS B 123 -6.67 1.33 -15.66
C HIS B 123 -8.05 0.83 -15.26
N SER B 124 -8.22 -0.49 -15.28
CA SER B 124 -9.47 -1.14 -14.91
C SER B 124 -9.83 -0.93 -13.45
N LEU B 125 -8.84 -0.56 -12.64
CA LEU B 125 -9.04 -0.31 -11.21
C LEU B 125 -9.06 1.16 -10.83
N GLY B 126 -8.65 2.04 -11.75
CA GLY B 126 -8.92 3.45 -11.57
C GLY B 126 -7.74 4.39 -11.73
N LEU B 127 -6.60 3.87 -12.20
CA LEU B 127 -5.43 4.71 -12.40
C LEU B 127 -5.24 5.13 -13.85
N PHE B 128 -5.02 6.42 -14.05
CA PHE B 128 -4.78 6.92 -15.39
C PHE B 128 -3.26 6.98 -15.54
N HIS B 129 -2.77 7.44 -16.68
CA HIS B 129 -1.33 7.53 -16.87
C HIS B 129 -0.61 8.42 -15.86
N SER B 130 0.57 7.99 -15.43
CA SER B 130 1.33 8.75 -14.45
C SER B 130 2.32 9.70 -15.08
N ALA B 131 2.69 10.73 -14.33
CA ALA B 131 3.66 11.70 -14.80
C ALA B 131 5.04 11.29 -14.32
N ASN B 132 5.09 10.22 -13.53
CA ASN B 132 6.31 9.68 -12.96
C ASN B 132 6.94 8.66 -13.93
N THR B 133 8.11 8.99 -14.46
CA THR B 133 8.83 8.15 -15.40
C THR B 133 8.98 6.65 -15.11
N GLU B 134 9.29 6.28 -13.86
CA GLU B 134 9.45 4.85 -13.59
C GLU B 134 8.26 4.11 -12.99
N ALA B 135 7.07 4.70 -13.13
CA ALA B 135 5.87 4.06 -12.62
C ALA B 135 5.36 3.13 -13.70
N LEU B 136 4.74 2.04 -13.29
CA LEU B 136 4.17 1.11 -14.24
C LEU B 136 3.11 1.84 -15.06
N MET B 137 2.42 2.78 -14.42
CA MET B 137 1.37 3.55 -15.10
C MET B 137 1.86 4.67 -16.01
N TYR B 138 3.17 4.74 -16.24
CA TYR B 138 3.71 5.75 -17.16
C TYR B 138 3.39 5.17 -18.54
N PRO B 139 2.85 6.01 -19.45
CA PRO B 139 2.45 5.62 -20.82
C PRO B 139 3.55 5.21 -21.82
N LEU B 140 4.66 4.66 -21.34
CA LEU B 140 5.69 4.27 -22.29
C LEU B 140 6.17 2.85 -22.06
N TYR B 141 5.75 1.92 -22.92
CA TYR B 141 6.20 0.53 -22.82
C TYR B 141 7.57 0.52 -23.45
N HIS B 142 8.54 -0.11 -22.82
CA HIS B 142 9.87 -0.08 -23.41
C HIS B 142 10.76 -1.28 -23.13
N SER B 143 11.99 -1.14 -23.61
CA SER B 143 13.08 -2.13 -23.50
C SER B 143 13.40 -2.66 -22.09
N LEU B 144 12.52 -3.50 -21.56
CA LEU B 144 12.73 -4.10 -20.24
C LEU B 144 13.31 -5.50 -20.44
N THR B 145 14.22 -5.92 -19.56
CA THR B 145 14.85 -7.24 -19.69
C THR B 145 14.59 -8.20 -18.52
N ASP B 146 14.27 -7.66 -17.35
CA ASP B 146 14.05 -8.48 -16.16
C ASP B 146 12.67 -8.52 -15.51
N LEU B 147 11.95 -9.60 -15.75
CA LEU B 147 10.62 -9.79 -15.13
C LEU B 147 10.88 -10.31 -13.73
N THR B 148 12.10 -10.80 -13.53
CA THR B 148 12.55 -11.31 -12.24
C THR B 148 12.57 -10.12 -11.27
N ARG B 149 13.04 -8.98 -11.77
CA ARG B 149 13.09 -7.76 -10.98
C ARG B 149 11.81 -6.93 -11.13
N PHE B 150 10.63 -7.54 -11.01
CA PHE B 150 9.44 -6.71 -11.12
C PHE B 150 8.85 -6.33 -9.78
N ARG B 151 8.92 -5.05 -9.47
CA ARG B 151 8.36 -4.51 -8.24
C ARG B 151 7.68 -3.21 -8.58
N LEU B 152 6.40 -3.14 -8.24
CA LEU B 152 5.58 -1.95 -8.48
C LEU B 152 6.24 -0.74 -7.82
N SER B 153 6.37 0.35 -8.56
CA SER B 153 7.02 1.53 -7.98
C SER B 153 6.20 2.18 -6.87
N GLN B 154 6.84 3.04 -6.10
CA GLN B 154 6.15 3.70 -5.00
C GLN B 154 4.98 4.56 -5.47
N ASP B 155 5.11 5.11 -6.66
CA ASP B 155 4.06 5.95 -7.21
C ASP B 155 2.79 5.14 -7.52
N ASP B 156 2.96 3.94 -8.06
CA ASP B 156 1.82 3.08 -8.37
C ASP B 156 1.12 2.69 -7.07
N ILE B 157 1.93 2.34 -6.09
CA ILE B 157 1.43 1.94 -4.77
C ILE B 157 0.67 3.08 -4.12
N ASN B 158 1.23 4.29 -4.17
CA ASN B 158 0.58 5.47 -3.60
C ASN B 158 -0.73 5.80 -4.35
N GLY B 159 -0.75 5.52 -5.65
CA GLY B 159 -1.92 5.77 -6.48
C GLY B 159 -3.09 4.80 -6.32
N ILE B 160 -2.81 3.51 -6.27
CA ILE B 160 -3.86 2.54 -6.12
C ILE B 160 -4.34 2.49 -4.65
N GLN B 161 -3.47 2.89 -3.72
CA GLN B 161 -3.85 2.92 -2.32
C GLN B 161 -4.62 4.20 -1.97
N SER B 162 -4.58 5.20 -2.85
CA SER B 162 -5.34 6.43 -2.58
C SER B 162 -6.79 6.19 -2.98
N LEU B 163 -7.04 5.05 -3.62
CA LEU B 163 -8.39 4.66 -4.04
C LEU B 163 -8.93 3.56 -3.13
N TYR B 164 -8.10 2.54 -2.95
CA TYR B 164 -8.47 1.36 -2.17
C TYR B 164 -7.82 1.20 -0.80
N GLY B 165 -6.71 1.92 -0.58
CA GLY B 165 -5.90 1.68 0.60
C GLY B 165 -5.09 0.38 0.60
N PRO B 166 -4.16 0.21 1.54
CA PRO B 166 -3.30 -0.96 1.69
C PRO B 166 -4.08 -2.19 2.19
N PRO B 167 -3.50 -3.39 2.07
CA PRO B 167 -4.23 -4.58 2.54
C PRO B 167 -4.43 -4.56 4.06
N PRO B 168 -5.54 -5.10 4.56
CA PRO B 168 -5.79 -5.10 6.00
C PRO B 168 -4.85 -5.99 6.84
N ASP B 169 -4.19 -6.92 6.17
CA ASP B 169 -3.26 -7.80 6.87
C ASP B 169 -1.84 -7.24 6.83
N SER B 170 -1.68 -6.07 6.19
CA SER B 170 -0.37 -5.46 6.04
C SER B 170 -0.03 -4.35 7.02
N PRO B 171 1.18 -4.37 7.57
CA PRO B 171 1.55 -3.31 8.50
C PRO B 171 2.03 -2.14 7.63
N GLU B 172 2.00 -0.94 8.17
CA GLU B 172 2.45 0.18 7.37
C GLU B 172 3.77 0.62 7.96
N THR B 173 4.76 0.84 7.11
CA THR B 173 6.05 1.30 7.60
C THR B 173 5.90 2.77 8.00
#